data_7T1T
#
_entry.id   7T1T
#
_cell.length_a   44.530
_cell.length_b   57.600
_cell.length_c   60.980
_cell.angle_alpha   90.000
_cell.angle_beta   110.810
_cell.angle_gamma   90.000
#
_symmetry.space_group_name_H-M   'P 1 21 1'
#
loop_
_entity.id
_entity.type
_entity.pdbx_description
1 polymer 'Tyrosine-protein kinase JAK2'
2 non-polymer '(2S)-2-[({4-[(2-amino-7H-pyrrolo[2,3-d]pyrimidin-4-yl)oxy]phenyl}carbamoyl)amino]-4-phenylbutanoic acid'
3 non-polymer GLYCEROL
4 water water
#
_entity_poly.entity_id   1
_entity_poly.type   'polypeptide(L)'
_entity_poly.pdbx_seq_one_letter_code
;VFHKIRNEDLIFNESLGQGTFTKIFKGVRREVGDYGQLHETEVLLKVLDKAHRNYSESFFEAASMMSKLSHKHLVLNYGV
CVCGDENILVQEFVKFGSLDTYLKKNKNCINILWKLEVAKQLAAAMHFLEENTLIHGNVCAKNILLIREEDRKTGNPPFI
KLSDPGISITVLPKDILQERIPWVPPECIENPKNLNLATDKWSFGTTLWEICSGGDKPLSALDSQRKLQFYEDRHQLPAP
KAAELANLINNCMDYEPDHRPSFRAIIRDLNSLFTPDLVPRGSHHHHHH
;
_entity_poly.pdbx_strand_id   A
#
loop_
_chem_comp.id
_chem_comp.type
_chem_comp.name
_chem_comp.formula
E8I non-polymer '(2S)-2-[({4-[(2-amino-7H-pyrrolo[2,3-d]pyrimidin-4-yl)oxy]phenyl}carbamoyl)amino]-4-phenylbutanoic acid' 'C23 H22 N6 O4'
GOL non-polymer GLYCEROL 'C3 H8 O3'
#
# COMPACT_ATOMS: atom_id res chain seq x y z
N VAL A 1 -11.22 0.25 -17.42
CA VAL A 1 -12.64 -0.04 -17.54
C VAL A 1 -12.98 -1.31 -16.75
N PHE A 2 -13.67 -1.12 -15.62
CA PHE A 2 -13.92 -2.20 -14.69
C PHE A 2 -15.19 -2.97 -15.03
N HIS A 3 -15.14 -4.28 -14.80
CA HIS A 3 -16.33 -5.12 -14.86
C HIS A 3 -17.35 -4.68 -13.81
N LYS A 4 -18.62 -4.54 -14.22
CA LYS A 4 -19.68 -4.08 -13.34
C LYS A 4 -20.30 -5.28 -12.62
N ILE A 5 -20.38 -5.19 -11.30
CA ILE A 5 -20.95 -6.23 -10.46
C ILE A 5 -22.26 -5.71 -9.87
N ARG A 6 -23.32 -6.52 -9.99
CA ARG A 6 -24.63 -6.14 -9.49
C ARG A 6 -24.67 -6.15 -7.96
N ASN A 7 -25.32 -5.14 -7.38
CA ASN A 7 -25.55 -5.14 -5.94
C ASN A 7 -26.20 -6.43 -5.47
N GLU A 8 -27.07 -7.01 -6.30
CA GLU A 8 -27.75 -8.26 -5.94
C GLU A 8 -26.77 -9.40 -5.69
N ASP A 9 -25.57 -9.33 -6.26
CA ASP A 9 -24.62 -10.42 -6.15
C ASP A 9 -23.60 -10.21 -5.05
N LEU A 10 -23.78 -9.18 -4.22
CA LEU A 10 -22.90 -8.90 -3.10
C LEU A 10 -23.67 -8.99 -1.78
N ILE A 11 -23.07 -9.60 -0.78
CA ILE A 11 -23.53 -9.55 0.60
C ILE A 11 -22.44 -8.88 1.43
N PHE A 12 -22.82 -7.86 2.19
CA PHE A 12 -21.91 -7.19 3.10
C PHE A 12 -21.88 -7.91 4.44
N ASN A 13 -20.68 -8.23 4.90
CA ASN A 13 -20.52 -8.74 6.25
C ASN A 13 -19.73 -7.74 7.10
N GLU A 14 -18.78 -8.21 7.91
CA GLU A 14 -18.31 -7.38 9.02
C GLU A 14 -17.45 -6.21 8.53
N SER A 15 -17.56 -5.09 9.24
CA SER A 15 -16.68 -3.96 8.99
C SER A 15 -15.24 -4.34 9.34
N LEU A 16 -14.33 -3.93 8.48
CA LEU A 16 -12.91 -4.12 8.73
C LEU A 16 -12.22 -2.81 9.04
N GLY A 17 -12.97 -1.73 9.16
CA GLY A 17 -12.39 -0.47 9.50
C GLY A 17 -12.72 0.56 8.46
N GLN A 18 -11.91 1.61 8.41
CA GLN A 18 -12.12 2.69 7.46
C GLN A 18 -10.77 3.15 6.94
N GLY A 19 -10.78 3.70 5.74
CA GLY A 19 -9.62 4.32 5.16
C GLY A 19 -9.94 5.77 4.91
N THR A 20 -9.25 6.39 3.97
CA THR A 20 -9.41 7.82 3.68
C THR A 20 -10.68 7.98 2.85
N PHE A 21 -11.75 8.46 3.51
CA PHE A 21 -13.07 8.65 2.90
C PHE A 21 -13.65 7.33 2.39
N THR A 22 -13.30 6.21 3.04
CA THR A 22 -13.81 4.91 2.67
C THR A 22 -14.18 4.11 3.91
N LYS A 23 -15.07 3.15 3.72
CA LYS A 23 -15.42 2.15 4.71
C LYS A 23 -15.11 0.78 4.14
N ILE A 24 -14.53 -0.10 4.95
CA ILE A 24 -14.04 -1.39 4.49
C ILE A 24 -14.88 -2.49 5.12
N PHE A 25 -15.28 -3.47 4.31
CA PHE A 25 -16.12 -4.58 4.74
C PHE A 25 -15.62 -5.87 4.11
N LYS A 26 -15.63 -6.94 4.90
CA LYS A 26 -15.56 -8.27 4.32
C LYS A 26 -16.93 -8.62 3.75
N GLY A 27 -16.94 -9.34 2.63
CA GLY A 27 -18.19 -9.63 1.95
C GLY A 27 -18.17 -10.96 1.21
N VAL A 28 -19.22 -11.24 0.43
CA VAL A 28 -19.29 -12.44 -0.40
C VAL A 28 -19.89 -12.04 -1.75
N ARG A 29 -19.33 -12.58 -2.82
CA ARG A 29 -19.84 -12.33 -4.17
C ARG A 29 -20.32 -13.65 -4.76
N ARG A 30 -21.58 -13.67 -5.20
CA ARG A 30 -22.11 -14.80 -5.95
C ARG A 30 -21.74 -14.64 -7.42
N GLU A 31 -21.21 -15.70 -8.02
CA GLU A 31 -20.73 -15.57 -9.39
C GLU A 31 -20.70 -16.92 -10.07
N VAL A 32 -20.83 -16.90 -11.40
CA VAL A 32 -20.54 -18.08 -12.23
C VAL A 32 -19.05 -18.08 -12.57
N GLY A 33 -18.34 -19.11 -12.15
CA GLY A 33 -16.92 -19.25 -12.39
C GLY A 33 -16.63 -20.10 -13.61
N ASP A 34 -15.39 -20.59 -13.68
CA ASP A 34 -14.98 -21.44 -14.79
C ASP A 34 -15.84 -22.69 -14.87
N TYR A 35 -16.01 -23.19 -16.09
CA TYR A 35 -16.84 -24.35 -16.40
C TYR A 35 -18.29 -24.13 -16.01
N GLY A 36 -18.69 -22.88 -15.79
CA GLY A 36 -20.06 -22.61 -15.41
C GLY A 36 -20.40 -22.99 -13.98
N GLN A 37 -19.41 -23.30 -13.15
CA GLN A 37 -19.65 -23.62 -11.75
C GLN A 37 -20.01 -22.36 -10.97
N LEU A 38 -21.00 -22.48 -10.09
CA LEU A 38 -21.44 -21.40 -9.24
C LEU A 38 -20.55 -21.29 -8.01
N HIS A 39 -20.17 -20.06 -7.66
CA HIS A 39 -19.29 -19.79 -6.53
C HIS A 39 -19.89 -18.71 -5.65
N GLU A 40 -19.61 -18.82 -4.35
CA GLU A 40 -19.82 -17.71 -3.41
C GLU A 40 -18.43 -17.36 -2.86
N THR A 41 -17.87 -16.26 -3.36
CA THR A 41 -16.46 -15.93 -3.14
C THR A 41 -16.31 -14.84 -2.08
N GLU A 42 -15.46 -15.10 -1.07
CA GLU A 42 -15.07 -14.04 -0.15
C GLU A 42 -14.48 -12.86 -0.91
N VAL A 43 -14.87 -11.65 -0.54
CA VAL A 43 -14.36 -10.44 -1.20
C VAL A 43 -14.12 -9.35 -0.18
N LEU A 44 -13.20 -8.45 -0.52
CA LEU A 44 -12.97 -7.22 0.22
C LEU A 44 -13.71 -6.11 -0.50
N LEU A 45 -14.59 -5.40 0.23
CA LEU A 45 -15.42 -4.34 -0.35
C LEU A 45 -14.95 -2.99 0.19
N LYS A 46 -14.57 -2.09 -0.72
CA LYS A 46 -14.17 -0.75 -0.34
C LYS A 46 -15.24 0.22 -0.81
N VAL A 47 -15.89 0.89 0.14
CA VAL A 47 -17.07 1.72 -0.10
C VAL A 47 -16.69 3.17 0.09
N LEU A 48 -16.83 3.98 -0.96
CA LEU A 48 -16.58 5.41 -0.82
C LEU A 48 -17.68 6.06 0.01
N ASP A 49 -17.28 6.81 1.05
CA ASP A 49 -18.23 7.53 1.90
C ASP A 49 -19.23 8.29 1.04
N LYS A 50 -20.52 8.15 1.35
CA LYS A 50 -21.54 8.81 0.55
C LYS A 50 -21.32 10.31 0.53
N ALA A 51 -20.90 10.89 1.66
CA ALA A 51 -20.68 12.31 1.80
C ALA A 51 -19.50 12.84 0.99
N HIS A 52 -18.63 11.97 0.49
CA HIS A 52 -17.46 12.37 -0.28
C HIS A 52 -17.52 11.84 -1.71
N ARG A 53 -18.74 11.76 -2.26
CA ARG A 53 -18.96 11.23 -3.61
C ARG A 53 -18.16 11.98 -4.66
N ASN A 54 -17.76 13.23 -4.39
CA ASN A 54 -16.97 13.99 -5.34
C ASN A 54 -15.60 13.36 -5.58
N TYR A 55 -15.11 12.51 -4.66
CA TYR A 55 -13.80 11.86 -4.79
C TYR A 55 -13.84 10.57 -5.59
N SER A 56 -15.00 10.24 -6.18
CA SER A 56 -15.14 8.91 -6.78
C SER A 56 -14.21 8.71 -7.97
N GLU A 57 -14.02 9.76 -8.76
CA GLU A 57 -13.15 9.66 -9.93
C GLU A 57 -11.75 9.24 -9.52
N SER A 58 -11.19 9.91 -8.51
CA SER A 58 -9.85 9.57 -8.04
C SER A 58 -9.83 8.20 -7.37
N PHE A 59 -10.83 7.93 -6.53
CA PHE A 59 -11.04 6.62 -5.91
C PHE A 59 -10.84 5.48 -6.91
N PHE A 60 -11.52 5.55 -8.06
CA PHE A 60 -11.53 4.46 -9.04
C PHE A 60 -10.44 4.57 -10.09
N GLU A 61 -9.92 5.76 -10.38
CA GLU A 61 -8.87 5.90 -11.39
C GLU A 61 -7.59 5.19 -10.93
N ALA A 62 -7.31 5.27 -9.64
CA ALA A 62 -6.15 4.61 -9.05
C ALA A 62 -6.22 3.10 -9.27
N ALA A 63 -7.26 2.46 -8.70
CA ALA A 63 -7.44 1.03 -8.86
C ALA A 63 -7.49 0.62 -10.32
N SER A 64 -8.07 1.46 -11.19
CA SER A 64 -8.23 1.07 -12.58
C SER A 64 -6.88 0.93 -13.28
N MET A 65 -6.04 1.96 -13.18
CA MET A 65 -4.79 1.97 -13.93
C MET A 65 -3.88 0.82 -13.53
N MET A 66 -3.83 0.52 -12.22
CA MET A 66 -3.03 -0.61 -11.77
C MET A 66 -3.62 -1.94 -12.21
N SER A 67 -4.96 -2.07 -12.18
CA SER A 67 -5.57 -3.33 -12.61
C SER A 67 -5.37 -3.60 -14.09
N LYS A 68 -5.05 -2.59 -14.89
CA LYS A 68 -4.71 -2.87 -16.29
C LYS A 68 -3.40 -3.66 -16.40
N LEU A 69 -2.50 -3.53 -15.41
CA LEU A 69 -1.26 -4.32 -15.37
C LEU A 69 -1.43 -5.49 -14.40
N SER A 70 -1.47 -6.70 -14.94
CA SER A 70 -1.50 -7.89 -14.12
C SER A 70 -0.09 -8.24 -13.62
N HIS A 71 0.01 -8.68 -12.36
CA HIS A 71 1.31 -9.04 -11.80
C HIS A 71 1.09 -9.82 -10.51
N LYS A 72 1.99 -10.77 -10.23
CA LYS A 72 1.78 -11.64 -9.08
C LYS A 72 1.80 -10.88 -7.75
N HIS A 73 2.47 -9.73 -7.68
CA HIS A 73 2.62 -8.96 -6.45
C HIS A 73 1.68 -7.75 -6.37
N LEU A 74 0.67 -7.68 -7.25
CA LEU A 74 -0.33 -6.62 -7.26
C LEU A 74 -1.72 -7.20 -7.02
N VAL A 75 -2.47 -6.56 -6.12
CA VAL A 75 -3.77 -7.09 -5.71
C VAL A 75 -4.72 -7.21 -6.90
N LEU A 76 -5.57 -8.23 -6.86
CA LEU A 76 -6.57 -8.40 -7.90
C LEU A 76 -7.83 -7.62 -7.52
N ASN A 77 -8.33 -6.85 -8.49
CA ASN A 77 -9.64 -6.20 -8.40
C ASN A 77 -10.60 -6.96 -9.29
N TYR A 78 -11.72 -7.41 -8.70
CA TYR A 78 -12.74 -8.12 -9.47
C TYR A 78 -13.57 -7.17 -10.33
N GLY A 79 -13.84 -5.97 -9.83
CA GLY A 79 -14.75 -5.07 -10.50
C GLY A 79 -15.27 -4.02 -9.52
N VAL A 80 -16.35 -3.37 -9.93
CA VAL A 80 -16.93 -2.28 -9.16
C VAL A 80 -18.44 -2.47 -9.11
N CYS A 81 -19.04 -2.04 -8.01
CA CYS A 81 -20.50 -1.98 -7.89
C CYS A 81 -20.88 -0.52 -7.77
N VAL A 82 -21.58 -0.01 -8.79
CA VAL A 82 -22.07 1.36 -8.82
C VAL A 82 -23.59 1.39 -8.88
N CYS A 83 -24.24 0.32 -8.42
CA CYS A 83 -25.69 0.33 -8.25
C CYS A 83 -26.07 1.37 -7.19
N GLY A 84 -27.20 2.02 -7.40
CA GLY A 84 -27.72 2.90 -6.37
C GLY A 84 -26.82 4.09 -6.10
N ASP A 85 -26.79 4.51 -4.83
CA ASP A 85 -25.94 5.62 -4.40
C ASP A 85 -24.55 5.15 -3.96
N GLU A 86 -24.14 3.96 -4.38
CA GLU A 86 -22.92 3.31 -3.92
C GLU A 86 -21.77 3.51 -4.92
N ASN A 87 -20.56 3.61 -4.38
CA ASN A 87 -19.33 3.47 -5.17
C ASN A 87 -18.46 2.45 -4.46
N ILE A 88 -18.45 1.22 -4.96
CA ILE A 88 -17.87 0.08 -4.25
C ILE A 88 -16.80 -0.56 -5.13
N LEU A 89 -15.59 -0.69 -4.58
CA LEU A 89 -14.55 -1.49 -5.21
C LEU A 89 -14.62 -2.92 -4.66
N VAL A 90 -14.62 -3.90 -5.56
CA VAL A 90 -14.73 -5.31 -5.19
C VAL A 90 -13.39 -5.98 -5.43
N GLN A 91 -12.75 -6.44 -4.35
CA GLN A 91 -11.34 -6.81 -4.34
C GLN A 91 -11.14 -8.21 -3.78
N GLU A 92 -10.07 -8.88 -4.19
CA GLU A 92 -9.76 -10.17 -3.59
C GLU A 92 -9.54 -10.00 -2.10
N PHE A 93 -10.02 -10.95 -1.31
CA PHE A 93 -9.85 -10.90 0.13
C PHE A 93 -8.59 -11.69 0.48
N VAL A 94 -7.58 -10.98 0.97
CA VAL A 94 -6.29 -11.58 1.28
C VAL A 94 -6.35 -12.15 2.68
N LYS A 95 -5.86 -13.39 2.85
CA LYS A 95 -6.18 -14.16 4.04
C LYS A 95 -5.68 -13.50 5.33
N PHE A 96 -4.48 -12.92 5.31
CA PHE A 96 -3.86 -12.43 6.54
C PHE A 96 -3.83 -10.90 6.66
N GLY A 97 -4.57 -10.19 5.82
CA GLY A 97 -4.72 -8.76 6.00
C GLY A 97 -3.46 -7.91 5.78
N SER A 98 -3.52 -6.69 6.31
CA SER A 98 -2.49 -5.69 6.12
C SER A 98 -1.19 -6.06 6.83
N LEU A 99 -0.08 -5.58 6.28
CA LEU A 99 1.23 -5.91 6.84
C LEU A 99 1.48 -5.17 8.15
N ASP A 100 1.04 -3.92 8.27
CA ASP A 100 1.33 -3.17 9.49
C ASP A 100 0.68 -3.83 10.70
N THR A 101 -0.62 -4.13 10.59
CA THR A 101 -1.30 -4.90 11.64
C THR A 101 -0.57 -6.20 11.93
N TYR A 102 -0.13 -6.91 10.89
CA TYR A 102 0.50 -8.21 11.07
C TYR A 102 1.84 -8.08 11.77
N LEU A 103 2.61 -7.04 11.43
CA LEU A 103 3.91 -6.85 12.07
C LEU A 103 3.76 -6.58 13.55
N LYS A 104 2.72 -5.84 13.93
CA LYS A 104 2.54 -5.51 15.34
C LYS A 104 2.18 -6.75 16.15
N LYS A 105 1.26 -7.57 15.63
CA LYS A 105 0.84 -8.75 16.37
C LYS A 105 1.88 -9.87 16.34
N ASN A 106 2.85 -9.81 15.43
CA ASN A 106 3.86 -10.85 15.33
C ASN A 106 5.27 -10.32 15.58
N LYS A 107 5.37 -9.12 16.18
CA LYS A 107 6.67 -8.46 16.35
C LYS A 107 7.71 -9.39 16.96
N ASN A 108 7.33 -10.13 18.00
CA ASN A 108 8.29 -10.96 18.72
C ASN A 108 8.50 -12.33 18.06
N CYS A 109 8.33 -12.41 16.74
CA CYS A 109 8.62 -13.66 16.03
C CYS A 109 8.85 -13.45 14.54
N ILE A 110 9.29 -12.25 14.17
CA ILE A 110 9.60 -11.91 12.78
C ILE A 110 11.08 -11.55 12.73
N ASN A 111 11.87 -12.37 12.03
CA ASN A 111 13.31 -12.15 12.00
C ASN A 111 13.74 -11.37 10.77
N ILE A 112 15.04 -11.14 10.66
CA ILE A 112 15.56 -10.24 9.63
C ILE A 112 15.38 -10.86 8.26
N LEU A 113 15.41 -12.19 8.15
CA LEU A 113 15.23 -12.84 6.85
C LEU A 113 13.80 -12.66 6.35
N TRP A 114 12.82 -12.75 7.24
CA TRP A 114 11.44 -12.44 6.88
C TRP A 114 11.32 -11.02 6.35
N LYS A 115 11.90 -10.06 7.08
CA LYS A 115 11.85 -8.66 6.66
C LYS A 115 12.53 -8.46 5.31
N LEU A 116 13.67 -9.10 5.10
CA LEU A 116 14.40 -8.94 3.84
C LEU A 116 13.61 -9.53 2.67
N GLU A 117 12.98 -10.68 2.89
CA GLU A 117 12.20 -11.31 1.83
C GLU A 117 11.01 -10.44 1.44
N VAL A 118 10.30 -9.91 2.43
CA VAL A 118 9.16 -9.04 2.15
C VAL A 118 9.62 -7.76 1.45
N ALA A 119 10.76 -7.22 1.89
CA ALA A 119 11.33 -6.05 1.24
C ALA A 119 11.66 -6.34 -0.23
N LYS A 120 12.26 -7.50 -0.50
CA LYS A 120 12.58 -7.87 -1.89
C LYS A 120 11.31 -7.98 -2.75
N GLN A 121 10.27 -8.60 -2.22
CA GLN A 121 9.02 -8.74 -2.96
C GLN A 121 8.41 -7.38 -3.25
N LEU A 122 8.36 -6.51 -2.23
CA LEU A 122 7.85 -5.17 -2.44
C LEU A 122 8.66 -4.44 -3.50
N ALA A 123 10.00 -4.56 -3.43
CA ALA A 123 10.85 -3.92 -4.44
C ALA A 123 10.59 -4.49 -5.83
N ALA A 124 10.35 -5.80 -5.93
CA ALA A 124 9.99 -6.38 -7.22
C ALA A 124 8.72 -5.75 -7.77
N ALA A 125 7.71 -5.56 -6.92
CA ALA A 125 6.45 -4.96 -7.38
C ALA A 125 6.67 -3.53 -7.84
N MET A 126 7.48 -2.75 -7.10
CA MET A 126 7.78 -1.37 -7.49
C MET A 126 8.66 -1.30 -8.73
N HIS A 127 9.64 -2.21 -8.85
CA HIS A 127 10.40 -2.29 -10.10
C HIS A 127 9.47 -2.48 -11.30
N PHE A 128 8.49 -3.39 -11.17
CA PHE A 128 7.52 -3.62 -12.25
C PHE A 128 6.77 -2.36 -12.58
N LEU A 129 6.32 -1.63 -11.55
CA LEU A 129 5.62 -0.37 -11.78
C LEU A 129 6.54 0.66 -12.42
N GLU A 130 7.79 0.75 -11.95
CA GLU A 130 8.72 1.72 -12.54
C GLU A 130 8.98 1.45 -14.01
N GLU A 131 9.21 0.18 -14.37
CA GLU A 131 9.37 -0.18 -15.77
C GLU A 131 8.15 0.20 -16.59
N ASN A 132 6.96 0.12 -16.02
CA ASN A 132 5.75 0.53 -16.72
C ASN A 132 5.43 2.01 -16.53
N THR A 133 6.37 2.77 -15.97
CA THR A 133 6.22 4.19 -15.66
C THR A 133 4.86 4.49 -15.03
N LEU A 134 4.43 3.67 -14.08
CA LEU A 134 3.16 3.88 -13.39
C LEU A 134 3.40 4.19 -11.91
N ILE A 135 2.91 5.34 -11.48
CA ILE A 135 3.05 5.79 -10.09
C ILE A 135 2.00 5.12 -9.23
N HIS A 136 2.40 4.61 -8.06
CA HIS A 136 1.42 4.18 -7.08
C HIS A 136 0.94 5.36 -6.24
N GLY A 137 1.88 6.04 -5.56
CA GLY A 137 1.55 7.28 -4.87
C GLY A 137 1.13 7.13 -3.43
N ASN A 138 0.95 5.91 -2.93
CA ASN A 138 0.60 5.71 -1.53
CA ASN A 138 0.56 5.70 -1.54
C ASN A 138 1.17 4.39 -1.02
N VAL A 139 2.48 4.21 -1.22
CA VAL A 139 3.14 3.01 -0.69
C VAL A 139 3.29 3.15 0.83
N CYS A 140 2.82 2.15 1.55
CA CYS A 140 2.88 2.11 3.01
C CYS A 140 2.53 0.68 3.43
N ALA A 141 2.86 0.35 4.68
CA ALA A 141 2.66 -1.01 5.17
C ALA A 141 1.18 -1.41 5.21
N LYS A 142 0.29 -0.45 5.49
CA LYS A 142 -1.14 -0.74 5.46
C LYS A 142 -1.58 -1.18 4.07
N ASN A 143 -0.87 -0.75 3.02
CA ASN A 143 -1.23 -1.10 1.67
C ASN A 143 -0.45 -2.32 1.15
N ILE A 144 0.16 -3.07 2.05
CA ILE A 144 0.79 -4.34 1.70
C ILE A 144 -0.06 -5.44 2.33
N LEU A 145 -0.42 -6.43 1.53
CA LEU A 145 -1.31 -7.49 1.98
C LEU A 145 -0.53 -8.79 2.05
N LEU A 146 -0.73 -9.54 3.14
CA LEU A 146 0.00 -10.78 3.37
C LEU A 146 -0.85 -11.95 2.89
N ILE A 147 -0.48 -12.49 1.72
CA ILE A 147 -1.20 -13.61 1.12
C ILE A 147 -0.94 -14.89 1.90
N ARG A 148 0.29 -15.10 2.35
CA ARG A 148 0.72 -16.39 2.86
C ARG A 148 1.80 -16.16 3.92
N GLU A 149 1.67 -16.86 5.05
CA GLU A 149 2.69 -16.73 6.07
C GLU A 149 3.91 -17.55 5.68
N GLU A 150 5.04 -17.23 6.30
CA GLU A 150 6.22 -18.05 6.16
C GLU A 150 5.98 -19.40 6.82
N ASP A 151 6.50 -20.46 6.21
CA ASP A 151 6.39 -21.81 6.75
C ASP A 151 7.80 -22.39 6.84
N ARG A 152 8.39 -22.32 8.03
CA ARG A 152 9.72 -22.88 8.22
C ARG A 152 9.75 -24.39 8.05
N LYS A 153 8.60 -25.06 8.18
CA LYS A 153 8.58 -26.51 8.00
C LYS A 153 8.87 -26.91 6.56
N THR A 154 8.60 -26.02 5.60
CA THR A 154 8.91 -26.28 4.19
C THR A 154 9.82 -25.21 3.58
N GLY A 155 10.34 -24.29 4.38
CA GLY A 155 11.13 -23.19 3.86
C GLY A 155 10.36 -22.19 3.03
N ASN A 156 9.04 -22.36 2.89
CA ASN A 156 8.18 -21.44 2.17
C ASN A 156 8.28 -20.03 2.74
N PRO A 157 8.73 -19.04 1.98
CA PRO A 157 8.80 -17.67 2.49
C PRO A 157 7.40 -17.06 2.55
N PRO A 158 7.23 -15.95 3.27
CA PRO A 158 5.96 -15.22 3.18
C PRO A 158 5.76 -14.70 1.76
N PHE A 159 4.52 -14.33 1.47
CA PHE A 159 4.19 -13.79 0.15
C PHE A 159 3.24 -12.62 0.33
N ILE A 160 3.56 -11.49 -0.31
CA ILE A 160 2.80 -10.26 -0.11
C ILE A 160 2.34 -9.71 -1.45
N LYS A 161 1.36 -8.81 -1.38
CA LYS A 161 0.95 -8.04 -2.55
C LYS A 161 0.77 -6.59 -2.15
N LEU A 162 0.96 -5.71 -3.13
CA LEU A 162 0.69 -4.29 -2.98
C LEU A 162 -0.75 -4.00 -3.37
N SER A 163 -1.46 -3.29 -2.50
CA SER A 163 -2.85 -2.97 -2.75
C SER A 163 -2.99 -1.70 -3.59
N ASP A 164 -4.23 -1.31 -3.85
CA ASP A 164 -4.50 -0.14 -4.68
C ASP A 164 -4.16 1.12 -3.88
N PRO A 165 -3.85 2.22 -4.57
CA PRO A 165 -3.36 3.41 -3.84
C PRO A 165 -4.44 4.25 -3.17
N GLY A 166 -5.73 3.96 -3.41
CA GLY A 166 -6.74 4.84 -2.89
C GLY A 166 -6.67 6.22 -3.52
N ILE A 167 -7.38 7.16 -2.88
CA ILE A 167 -7.49 8.50 -3.44
C ILE A 167 -6.12 9.15 -3.53
N SER A 168 -5.85 9.78 -4.67
CA SER A 168 -4.56 10.39 -4.95
C SER A 168 -4.27 11.56 -4.01
N ILE A 169 -3.03 11.63 -3.52
CA ILE A 169 -2.60 12.77 -2.75
C ILE A 169 -2.69 14.08 -3.53
N THR A 170 -2.84 14.02 -4.86
CA THR A 170 -2.98 15.25 -5.64
C THR A 170 -4.34 15.91 -5.47
N VAL A 171 -5.33 15.23 -4.89
CA VAL A 171 -6.65 15.82 -4.67
C VAL A 171 -7.07 15.80 -3.22
N LEU A 172 -6.25 15.28 -2.31
CA LEU A 172 -6.65 15.22 -0.91
C LEU A 172 -6.41 16.55 -0.23
N PRO A 173 -7.12 16.84 0.85
CA PRO A 173 -6.87 18.09 1.60
C PRO A 173 -5.49 18.11 2.24
N LYS A 174 -4.91 19.31 2.27
CA LYS A 174 -3.55 19.48 2.78
C LYS A 174 -3.37 18.96 4.20
N ASP A 175 -4.43 18.96 5.03
CA ASP A 175 -4.24 18.47 6.39
C ASP A 175 -4.10 16.96 6.44
N ILE A 176 -4.80 16.23 5.56
CA ILE A 176 -4.56 14.79 5.46
C ILE A 176 -3.13 14.54 4.99
N LEU A 177 -2.67 15.30 4.01
CA LEU A 177 -1.29 15.16 3.52
C LEU A 177 -0.28 15.35 4.65
N GLN A 178 -0.46 16.39 5.46
CA GLN A 178 0.48 16.65 6.55
C GLN A 178 0.52 15.49 7.54
N GLU A 179 -0.65 14.93 7.86
CA GLU A 179 -0.70 13.80 8.77
C GLU A 179 -0.03 12.56 8.18
N ARG A 180 0.06 12.45 6.86
CA ARG A 180 0.75 11.33 6.23
C ARG A 180 2.24 11.57 6.04
N ILE A 181 2.79 12.64 6.60
CA ILE A 181 4.24 12.68 6.79
C ILE A 181 4.63 11.59 7.78
N PRO A 182 5.66 10.78 7.53
CA PRO A 182 6.62 10.89 6.41
C PRO A 182 6.46 9.88 5.27
N TRP A 183 5.25 9.38 5.01
CA TRP A 183 5.07 8.63 3.76
C TRP A 183 4.98 9.56 2.56
N VAL A 184 4.31 10.70 2.71
CA VAL A 184 4.26 11.69 1.63
C VAL A 184 5.60 12.42 1.59
N PRO A 185 6.25 12.51 0.42
CA PRO A 185 7.61 13.07 0.34
C PRO A 185 7.62 14.58 0.58
N PRO A 186 8.80 15.14 0.90
CA PRO A 186 8.88 16.60 1.08
C PRO A 186 8.38 17.41 -0.11
N GLU A 187 8.76 17.02 -1.33
CA GLU A 187 8.37 17.80 -2.50
C GLU A 187 6.85 17.77 -2.72
N CYS A 188 6.16 16.74 -2.23
CA CYS A 188 4.72 16.69 -2.38
C CYS A 188 4.01 17.48 -1.29
N ILE A 189 4.61 17.58 -0.11
CA ILE A 189 4.14 18.55 0.87
C ILE A 189 4.27 19.96 0.30
N GLU A 190 5.42 20.25 -0.31
CA GLU A 190 5.63 21.54 -0.94
C GLU A 190 4.62 21.78 -2.06
N ASN A 191 4.39 20.76 -2.90
CA ASN A 191 3.46 20.87 -4.01
C ASN A 191 2.92 19.49 -4.36
N PRO A 192 1.67 19.19 -4.03
CA PRO A 192 1.13 17.86 -4.35
C PRO A 192 1.24 17.47 -5.80
N LYS A 193 1.29 18.44 -6.73
CA LYS A 193 1.47 18.15 -8.15
C LYS A 193 2.88 17.67 -8.50
N ASN A 194 3.78 17.61 -7.53
CA ASN A 194 5.10 17.00 -7.72
C ASN A 194 5.06 15.48 -7.63
N LEU A 195 3.86 14.89 -7.54
CA LEU A 195 3.73 13.44 -7.59
C LEU A 195 4.43 12.90 -8.83
N ASN A 196 5.29 11.93 -8.62
CA ASN A 196 6.20 11.47 -9.66
C ASN A 196 6.70 10.09 -9.23
N LEU A 197 7.34 9.38 -10.16
CA LEU A 197 7.93 8.09 -9.81
C LEU A 197 8.85 8.20 -8.60
N ALA A 198 9.62 9.30 -8.51
CA ALA A 198 10.51 9.49 -7.36
C ALA A 198 9.75 9.53 -6.04
N THR A 199 8.46 9.89 -6.06
CA THR A 199 7.63 9.82 -4.86
C THR A 199 7.62 8.42 -4.28
N ASP A 200 7.44 7.41 -5.13
CA ASP A 200 7.33 6.03 -4.66
C ASP A 200 8.62 5.51 -4.07
N LYS A 201 9.77 6.05 -4.47
CA LYS A 201 11.03 5.62 -3.86
C LYS A 201 11.13 6.12 -2.42
N TRP A 202 10.73 7.37 -2.19
CA TRP A 202 10.72 7.88 -0.81
C TRP A 202 9.79 7.04 0.07
N SER A 203 8.54 6.87 -0.35
CA SER A 203 7.56 6.15 0.47
C SER A 203 7.96 4.69 0.67
N PHE A 204 8.65 4.11 -0.32
CA PHE A 204 9.21 2.78 -0.14
C PHE A 204 10.19 2.77 1.03
N GLY A 205 11.00 3.83 1.16
CA GLY A 205 11.91 3.90 2.30
C GLY A 205 11.17 3.92 3.62
N THR A 206 10.15 4.79 3.73
CA THR A 206 9.29 4.82 4.92
C THR A 206 8.66 3.46 5.20
N THR A 207 8.25 2.74 4.14
CA THR A 207 7.60 1.45 4.35
C THR A 207 8.59 0.42 4.87
N LEU A 208 9.84 0.46 4.37
CA LEU A 208 10.89 -0.38 4.92
C LEU A 208 11.10 -0.11 6.40
N TRP A 209 11.02 1.16 6.78
CA TRP A 209 11.15 1.49 8.20
C TRP A 209 10.04 0.84 9.00
N GLU A 210 8.79 0.92 8.50
CA GLU A 210 7.68 0.23 9.16
C GLU A 210 7.96 -1.26 9.31
N ILE A 211 8.39 -1.90 8.22
CA ILE A 211 8.64 -3.34 8.22
C ILE A 211 9.72 -3.71 9.25
N CYS A 212 10.76 -2.88 9.34
CA CYS A 212 11.85 -3.12 10.28
C CYS A 212 11.52 -2.71 11.69
N SER A 213 10.36 -2.10 11.95
CA SER A 213 10.04 -1.51 13.25
C SER A 213 8.82 -2.17 13.90
N GLY A 214 8.52 -3.41 13.56
CA GLY A 214 7.41 -4.12 14.19
C GLY A 214 6.09 -3.40 14.08
N GLY A 215 5.93 -2.58 13.03
CA GLY A 215 4.67 -1.90 12.80
C GLY A 215 4.50 -0.56 13.48
N ASP A 216 5.52 -0.05 14.20
CA ASP A 216 5.49 1.33 14.66
C ASP A 216 5.28 2.27 13.50
N LYS A 217 4.65 3.42 13.79
CA LYS A 217 4.45 4.48 12.81
C LYS A 217 5.55 5.51 12.99
N PRO A 218 6.44 5.75 12.02
CA PRO A 218 7.48 6.75 12.22
C PRO A 218 6.88 8.12 12.43
N LEU A 219 7.42 8.84 13.41
CA LEU A 219 7.01 10.19 13.78
C LEU A 219 5.58 10.27 14.33
N SER A 220 5.04 9.16 14.85
CA SER A 220 3.68 9.22 15.39
C SER A 220 3.58 10.15 16.60
N ALA A 221 4.68 10.34 17.34
CA ALA A 221 4.67 11.26 18.47
C ALA A 221 4.62 12.73 18.05
N LEU A 222 4.83 13.04 16.77
CA LEU A 222 4.82 14.42 16.29
C LEU A 222 3.45 14.77 15.71
N ASP A 223 2.90 15.90 16.14
CA ASP A 223 1.67 16.40 15.52
C ASP A 223 2.00 16.97 14.14
N SER A 224 0.97 17.48 13.46
CA SER A 224 1.12 17.87 12.06
C SER A 224 2.08 19.03 11.89
N GLN A 225 2.02 20.01 12.79
CA GLN A 225 2.94 21.14 12.72
C GLN A 225 4.38 20.67 12.89
N ARG A 226 4.61 19.72 13.80
CA ARG A 226 5.97 19.24 14.00
C ARG A 226 6.43 18.34 12.87
N LYS A 227 5.51 17.59 12.25
CA LYS A 227 5.88 16.80 11.08
C LYS A 227 6.41 17.69 9.97
N LEU A 228 5.74 18.83 9.73
CA LEU A 228 6.22 19.80 8.76
C LEU A 228 7.61 20.31 9.12
N GLN A 229 7.82 20.63 10.40
CA GLN A 229 9.13 21.13 10.81
C GLN A 229 10.21 20.07 10.67
N PHE A 230 9.84 18.79 10.87
CA PHE A 230 10.74 17.69 10.54
C PHE A 230 11.28 17.85 9.12
N TYR A 231 10.40 18.09 8.15
CA TYR A 231 10.87 18.27 6.78
C TYR A 231 11.63 19.58 6.62
N GLU A 232 11.16 20.65 7.25
CA GLU A 232 11.85 21.94 7.16
C GLU A 232 13.31 21.82 7.58
N ASP A 233 13.58 21.06 8.63
CA ASP A 233 14.94 20.94 9.14
C ASP A 233 15.70 19.76 8.55
N ARG A 234 15.19 19.13 7.48
CA ARG A 234 15.91 18.10 6.72
C ARG A 234 16.32 16.92 7.59
N HIS A 235 15.44 16.53 8.51
CA HIS A 235 15.74 15.37 9.32
C HIS A 235 15.45 14.07 8.58
N GLN A 236 16.08 13.00 9.03
CA GLN A 236 15.89 11.64 8.56
C GLN A 236 15.34 10.81 9.70
N LEU A 237 14.76 9.66 9.36
CA LEU A 237 14.22 8.80 10.40
C LEU A 237 15.34 8.18 11.23
N PRO A 238 15.10 7.92 12.52
CA PRO A 238 16.08 7.15 13.30
C PRO A 238 16.21 5.75 12.75
N ALA A 239 17.38 5.15 12.95
CA ALA A 239 17.57 3.77 12.55
C ALA A 239 16.67 2.86 13.37
N PRO A 240 15.93 1.94 12.76
CA PRO A 240 15.20 0.94 13.55
C PRO A 240 16.16 0.09 14.36
N LYS A 241 15.65 -0.50 15.45
CA LYS A 241 16.49 -1.34 16.30
C LYS A 241 17.14 -2.45 15.49
N ALA A 242 16.33 -3.19 14.73
CA ALA A 242 16.86 -4.03 13.66
C ALA A 242 17.36 -3.12 12.56
N ALA A 243 18.64 -2.76 12.58
CA ALA A 243 19.10 -1.63 11.79
C ALA A 243 19.63 -2.03 10.42
N GLU A 244 19.48 -3.30 10.01
CA GLU A 244 20.18 -3.80 8.84
C GLU A 244 19.79 -3.07 7.55
N LEU A 245 18.59 -2.52 7.48
CA LEU A 245 18.13 -1.81 6.29
C LEU A 245 18.19 -0.30 6.42
N ALA A 246 18.82 0.23 7.48
CA ALA A 246 18.74 1.66 7.76
C ALA A 246 19.39 2.50 6.66
N ASN A 247 20.55 2.08 6.17
CA ASN A 247 21.19 2.84 5.10
C ASN A 247 20.32 2.86 3.85
N LEU A 248 19.73 1.72 3.50
CA LEU A 248 18.82 1.68 2.36
C LEU A 248 17.64 2.62 2.58
N ILE A 249 17.04 2.59 3.78
CA ILE A 249 15.92 3.48 4.08
C ILE A 249 16.32 4.93 3.86
N ASN A 250 17.49 5.32 4.38
CA ASN A 250 17.91 6.70 4.24
C ASN A 250 18.26 7.03 2.79
N ASN A 251 18.90 6.10 2.08
CA ASN A 251 19.20 6.34 0.67
C ASN A 251 17.92 6.59 -0.14
N CYS A 252 16.85 5.86 0.19
CA CYS A 252 15.58 6.05 -0.51
C CYS A 252 14.91 7.36 -0.11
N MET A 253 14.96 7.70 1.18
CA MET A 253 14.36 8.92 1.72
C MET A 253 15.34 10.10 1.54
N ASP A 254 15.74 10.31 0.29
CA ASP A 254 16.65 11.39 -0.06
C ASP A 254 15.82 12.63 -0.35
N TYR A 255 16.20 13.77 0.25
CA TYR A 255 15.43 14.99 0.02
C TYR A 255 15.54 15.49 -1.42
N GLU A 256 16.56 15.06 -2.15
CA GLU A 256 16.64 15.36 -3.58
C GLU A 256 15.95 14.24 -4.37
N PRO A 257 14.77 14.47 -4.95
CA PRO A 257 14.07 13.39 -5.66
C PRO A 257 14.88 12.74 -6.77
N ASP A 258 15.70 13.51 -7.50
CA ASP A 258 16.48 12.94 -8.59
C ASP A 258 17.61 12.05 -8.12
N HIS A 259 17.95 12.07 -6.84
CA HIS A 259 19.03 11.26 -6.33
C HIS A 259 18.56 9.92 -5.78
N ARG A 260 17.25 9.71 -5.71
CA ARG A 260 16.73 8.49 -5.10
C ARG A 260 17.02 7.33 -6.04
N PRO A 261 17.52 6.20 -5.54
CA PRO A 261 17.98 5.13 -6.43
C PRO A 261 16.84 4.43 -7.14
N SER A 262 17.14 3.94 -8.34
CA SER A 262 16.17 3.16 -9.10
C SER A 262 15.85 1.89 -8.35
N PHE A 263 14.67 1.33 -8.62
CA PHE A 263 14.31 0.11 -7.92
C PHE A 263 15.20 -1.07 -8.33
N ARG A 264 15.74 -1.05 -9.55
CA ARG A 264 16.76 -2.04 -9.91
C ARG A 264 17.96 -1.96 -8.97
N ALA A 265 18.50 -0.75 -8.77
CA ALA A 265 19.60 -0.60 -7.82
C ALA A 265 19.15 -0.97 -6.40
N ILE A 266 17.91 -0.64 -6.03
CA ILE A 266 17.40 -1.05 -4.72
C ILE A 266 17.41 -2.57 -4.59
N ILE A 267 16.92 -3.27 -5.62
CA ILE A 267 16.89 -4.73 -5.58
C ILE A 267 18.31 -5.29 -5.46
N ARG A 268 19.25 -4.73 -6.21
CA ARG A 268 20.64 -5.21 -6.11
C ARG A 268 21.17 -5.04 -4.70
N ASP A 269 20.89 -3.89 -4.07
CA ASP A 269 21.30 -3.68 -2.68
C ASP A 269 20.68 -4.69 -1.73
N LEU A 270 19.37 -4.94 -1.88
CA LEU A 270 18.73 -5.93 -1.02
C LEU A 270 19.43 -7.27 -1.14
N ASN A 271 19.71 -7.68 -2.39
CA ASN A 271 20.35 -8.97 -2.65
C ASN A 271 21.74 -9.06 -2.04
N SER A 272 22.44 -7.94 -1.89
CA SER A 272 23.81 -7.97 -1.38
C SER A 272 23.90 -8.17 0.13
N LEU A 273 22.77 -8.23 0.83
CA LEU A 273 22.83 -8.47 2.27
C LEU A 273 22.91 -9.97 2.60
N PHE A 274 22.15 -10.80 1.89
CA PHE A 274 22.25 -12.27 1.94
C PHE A 274 22.42 -12.84 3.35
C1 E8I B . -7.63 -6.89 1.27
C2 E8I B . -7.89 -5.73 3.35
C3 E8I B . -7.87 -8.14 3.34
C4 E8I B . -7.97 -6.94 4.04
C5 E8I B . -8.13 -7.22 5.40
C6 E8I B . -8.14 -8.60 5.55
N7 E8I B . -7.97 -9.16 4.28
N8 E8I B . -7.44 -6.85 -0.16
N9 E8I B . -7.69 -8.10 1.95
C18 E8I B . -7.46 -3.44 3.63
C19 E8I B . -8.31 -2.33 3.46
C20 E8I B . -7.79 -1.11 3.00
C21 E8I B . -6.42 -1.06 2.74
C22 E8I B . -5.57 -2.16 2.93
C23 E8I B . -6.10 -3.37 3.39
C25 E8I B . -5.85 1.29 3.14
C28 E8I B . -5.22 3.67 3.57
C30 E8I B . -6.34 4.61 3.12
C31 E8I B . -3.86 4.35 3.49
C34 E8I B . -3.80 5.57 4.37
C35 E8I B . -2.36 6.08 4.60
C36 E8I B . -2.04 6.71 5.81
C37 E8I B . -0.74 7.16 6.01
C38 E8I B . 0.25 6.98 5.03
C39 E8I B . -0.09 6.37 3.84
C40 E8I B . -1.40 5.90 3.62
N10 E8I B . -7.71 -5.68 1.97
N24 E8I B . -5.77 0.15 2.29
N27 E8I B . -5.19 2.50 2.73
O17 E8I B . -8.02 -4.59 4.12
O26 E8I B . -6.44 1.24 4.20
O32 E8I B . -6.87 5.35 4.00
O33 E8I B . -6.71 4.66 1.91
C1 GOL C . 0.72 3.26 7.02
O1 GOL C . 1.14 1.92 6.94
C2 GOL C . 0.23 3.52 8.50
O2 GOL C . -0.77 2.63 8.91
C3 GOL C . -0.27 5.00 8.56
O3 GOL C . -0.42 5.37 9.95
#